data_4AF3
#
_entry.id   4AF3
#
_cell.length_a   80.145
_cell.length_b   80.145
_cell.length_c   92.542
_cell.angle_alpha   90.00
_cell.angle_beta   90.00
_cell.angle_gamma   120.00
#
_symmetry.space_group_name_H-M   'P 31 2 1'
#
loop_
_entity.id
_entity.type
_entity.pdbx_description
1 polymer 'AURORA KINASE B'
2 polymer 'INNER CENTROMERE PROTEIN'
3 non-polymer 'CYCLOPROPANECARBOXYLIC ACID {4-[4-(4-METHYL-PIPERAZIN-1-YL)-6-(5-METHYL-2H-PYRAZOL-3-YLAMINO)-PYRIMIDIN-2-YLSULFANYL]-PHENYL}-AMIDE'
4 water water
#
loop_
_entity_poly.entity_id
_entity_poly.type
_entity_poly.pdbx_seq_one_letter_code
_entity_poly.pdbx_strand_id
1 'polypeptide(L)'
;SMQKVMENSSGTPDILTRHFTIDDFEIGRPLGKGKFGNVYLAREKKSHFIVALKVLFKSQIEKEGVEHQLRREIEIQAHL
HHPNILRLYNYFYDRRRIYLILEYAPRGELYKELQKSCTFDEQRTATIMEELADALMYCHGKKVIHRDIKPENLLLGLKG
ELKIADFGWSVHAPSLRRKTMCGTLDYLPPEMIEGRMHNEKVDLWCIGVLCYELLVGNPPFESASHNETYRRIVKVDLKF
PASVPTGAQDLISKLLRHNPSERLPLAQVSAHPWVRANSRRVLPPSALQSVA
;
A
2 'polypeptide(L)' SMEAHPRKPIPTWARGTPLSQAIIHQYYHPPNLLELFGTILPLDLEDIFKKSKPRYHKRTSSAVWNSPPLQ D
#
loop_
_chem_comp.id
_chem_comp.type
_chem_comp.name
_chem_comp.formula
VX6 non-polymer 'CYCLOPROPANECARBOXYLIC ACID {4-[4-(4-METHYL-PIPERAZIN-1-YL)-6-(5-METHYL-2H-PYRAZOL-3-YLAMINO)-PYRIMIDIN-2-YLSULFANYL]-PHENYL}-AMIDE' 'C23 H28 N8 O S'
#
# COMPACT_ATOMS: atom_id res chain seq x y z
N ARG A 18 2.50 25.04 4.88
CA ARG A 18 3.48 24.53 5.90
C ARG A 18 2.74 23.90 7.10
N HIS A 19 2.23 24.73 8.01
CA HIS A 19 1.48 24.25 9.20
C HIS A 19 0.09 23.76 8.84
N PHE A 20 -0.49 22.89 9.68
CA PHE A 20 -1.84 22.37 9.44
C PHE A 20 -2.58 22.05 10.73
N THR A 21 -3.90 22.04 10.64
CA THR A 21 -4.80 21.79 11.78
C THR A 21 -5.96 20.97 11.24
N ILE A 22 -6.71 20.30 12.11
CA ILE A 22 -7.92 19.62 11.67
C ILE A 22 -8.94 20.61 11.09
N ASP A 23 -8.89 21.85 11.58
CA ASP A 23 -9.84 22.89 11.15
C ASP A 23 -9.80 23.29 9.66
N ASP A 24 -8.76 22.94 8.91
CA ASP A 24 -8.73 23.29 7.47
C ASP A 24 -9.02 22.10 6.50
N PHE A 25 -9.71 21.08 7.00
CA PHE A 25 -10.23 20.00 6.17
C PHE A 25 -11.73 19.89 6.35
N GLU A 26 -12.42 19.37 5.34
CA GLU A 26 -13.83 19.06 5.44
C GLU A 26 -13.97 17.56 5.29
N ILE A 27 -14.61 16.91 6.25
CA ILE A 27 -14.82 15.46 6.17
C ILE A 27 -15.97 15.15 5.22
N GLY A 28 -15.82 14.08 4.42
CA GLY A 28 -16.85 13.66 3.48
C GLY A 28 -17.58 12.45 4.01
N ARG A 29 -16.82 11.41 4.31
CA ARG A 29 -17.36 10.20 4.90
C ARG A 29 -16.22 9.36 5.44
N PRO A 30 -16.52 8.42 6.36
CA PRO A 30 -15.53 7.42 6.78
C PRO A 30 -15.26 6.39 5.67
N LEU A 31 -14.07 5.78 5.66
CA LEU A 31 -13.70 4.82 4.62
C LEU A 31 -13.54 3.37 5.12
N GLY A 32 -12.86 3.20 6.25
CA GLY A 32 -12.54 1.85 6.72
C GLY A 32 -13.70 0.90 6.97
N LYS A 33 -14.81 1.44 7.47
CA LYS A 33 -15.80 0.68 8.24
C LYS A 33 -15.11 0.09 9.47
N GLY A 34 -14.17 0.84 10.06
CA GLY A 34 -13.40 0.35 11.20
C GLY A 34 -12.26 -0.60 10.86
N LYS A 35 -12.41 -1.34 9.76
CA LYS A 35 -11.42 -2.30 9.28
C LYS A 35 -10.00 -1.73 9.20
N PHE A 36 -9.86 -0.47 8.82
CA PHE A 36 -8.52 0.12 8.64
C PHE A 36 -8.25 1.26 9.63
N GLY A 37 -8.99 1.26 10.74
CA GLY A 37 -8.89 2.30 11.74
C GLY A 37 -9.74 3.51 11.41
N ASN A 38 -9.25 4.68 11.78
CA ASN A 38 -10.00 5.93 11.64
C ASN A 38 -9.49 6.61 10.40
N VAL A 39 -10.26 6.49 9.31
CA VAL A 39 -9.85 6.96 7.99
C VAL A 39 -11.02 7.67 7.32
N TYR A 40 -10.73 8.76 6.61
CA TYR A 40 -11.77 9.67 6.15
C TYR A 40 -11.47 10.29 4.80
N LEU A 41 -12.49 10.37 3.97
CA LEU A 41 -12.44 11.17 2.76
C LEU A 41 -12.53 12.63 3.17
N ALA A 42 -11.55 13.41 2.79
CA ALA A 42 -11.57 14.82 3.13
C ALA A 42 -11.11 15.62 1.95
N ARG A 43 -11.38 16.92 1.98
CA ARG A 43 -10.70 17.85 1.09
C ARG A 43 -10.23 19.05 1.90
N GLU A 44 -9.13 19.64 1.45
CA GLU A 44 -8.58 20.84 2.06
C GLU A 44 -9.44 22.02 1.65
N LYS A 45 -9.85 22.83 2.63
CA LYS A 45 -10.85 23.89 2.41
C LYS A 45 -10.42 24.93 1.36
N LYS A 46 -9.14 25.31 1.42
CA LYS A 46 -8.55 26.33 0.53
C LYS A 46 -8.47 25.90 -0.96
N SER A 47 -8.19 24.62 -1.20
CA SER A 47 -7.85 24.10 -2.55
C SER A 47 -8.91 23.17 -3.17
N HIS A 48 -9.76 22.59 -2.32
CA HIS A 48 -10.68 21.53 -2.72
C HIS A 48 -9.96 20.34 -3.28
N PHE A 49 -8.78 20.07 -2.72
CA PHE A 49 -7.97 18.92 -3.11
C PHE A 49 -8.38 17.76 -2.22
N ILE A 50 -8.69 16.61 -2.83
CA ILE A 50 -9.21 15.47 -2.09
C ILE A 50 -8.10 14.54 -1.62
N VAL A 51 -8.00 14.41 -0.30
CA VAL A 51 -7.08 13.47 0.33
C VAL A 51 -7.86 12.43 1.10
N ALA A 52 -7.14 11.45 1.62
CA ALA A 52 -7.66 10.52 2.61
C ALA A 52 -6.93 10.91 3.90
N LEU A 53 -7.69 11.09 4.98
CA LEU A 53 -7.12 11.51 6.25
C LEU A 53 -7.23 10.40 7.27
N LYS A 54 -6.10 9.97 7.84
CA LYS A 54 -6.08 8.91 8.87
C LYS A 54 -5.67 9.41 10.27
N VAL A 55 -6.51 9.14 11.25
CA VAL A 55 -6.28 9.63 12.60
C VAL A 55 -5.65 8.52 13.43
N LEU A 56 -4.51 8.84 14.05
CA LEU A 56 -3.81 7.91 14.95
C LEU A 56 -3.80 8.42 16.39
N PHE A 57 -4.41 7.63 17.29
CA PHE A 57 -4.50 7.98 18.72
C PHE A 57 -3.20 7.64 19.45
N LYS A 58 -2.62 8.62 20.12
CA LYS A 58 -1.35 8.43 20.83
C LYS A 58 -1.47 7.32 21.85
N SER A 59 -2.65 7.21 22.48
CA SER A 59 -2.90 6.15 23.46
C SER A 59 -2.77 4.74 22.84
N GLN A 60 -3.18 4.57 21.59
CA GLN A 60 -3.00 3.29 20.90
C GLN A 60 -1.51 3.04 20.53
N ILE A 61 -0.76 4.12 20.30
CA ILE A 61 0.65 4.06 19.93
C ILE A 61 1.52 3.81 21.16
N GLU A 62 1.40 4.68 22.15
CA GLU A 62 2.07 4.51 23.44
C GLU A 62 1.92 3.06 23.94
N LYS A 63 0.67 2.60 23.96
CA LYS A 63 0.29 1.24 24.34
C LYS A 63 1.14 0.16 23.68
N GLU A 64 1.03 0.09 22.35
CA GLU A 64 1.78 -0.91 21.55
C GLU A 64 3.26 -0.57 21.43
N GLY A 65 3.68 0.58 21.96
CA GLY A 65 5.08 0.99 21.95
C GLY A 65 5.68 0.98 20.54
N VAL A 66 5.11 1.78 19.65
CA VAL A 66 5.54 1.84 18.25
C VAL A 66 5.84 3.27 17.80
N GLU A 67 6.17 4.15 18.75
CA GLU A 67 6.50 5.55 18.48
C GLU A 67 7.69 5.74 17.52
N HIS A 68 8.63 4.79 17.51
CA HIS A 68 9.84 4.90 16.67
C HIS A 68 9.66 4.34 15.29
N GLN A 69 8.79 3.33 15.15
CA GLN A 69 8.30 2.88 13.85
C GLN A 69 7.73 4.05 13.07
N LEU A 70 6.72 4.69 13.67
CA LEU A 70 6.00 5.82 13.10
C LEU A 70 6.93 6.97 12.70
N ARG A 71 7.75 7.43 13.65
CA ARG A 71 8.76 8.44 13.33
C ARG A 71 9.42 8.07 12.03
N ARG A 72 9.91 6.84 11.97
CA ARG A 72 10.77 6.34 10.90
C ARG A 72 9.99 6.06 9.63
N GLU A 73 8.85 5.40 9.79
CA GLU A 73 7.87 5.25 8.74
C GLU A 73 7.61 6.59 8.03
N ILE A 74 7.34 7.65 8.78
CA ILE A 74 7.12 8.97 8.17
C ILE A 74 8.34 9.45 7.38
N GLU A 75 9.54 9.26 7.92
CA GLU A 75 10.78 9.60 7.20
C GLU A 75 10.90 8.79 5.90
N ILE A 76 10.50 7.51 5.94
CA ILE A 76 10.46 6.65 4.75
C ILE A 76 9.52 7.26 3.70
N GLN A 77 8.25 7.41 4.07
CA GLN A 77 7.24 7.97 3.17
C GLN A 77 7.64 9.35 2.68
N ALA A 78 8.24 10.15 3.56
CA ALA A 78 8.62 11.54 3.26
C ALA A 78 9.15 11.71 1.84
N HIS A 79 10.10 10.86 1.45
CA HIS A 79 10.72 10.95 0.12
C HIS A 79 10.49 9.68 -0.65
N LEU A 80 9.21 9.38 -0.87
CA LEU A 80 8.78 8.22 -1.63
C LEU A 80 7.74 8.68 -2.64
N HIS A 81 8.20 9.13 -3.80
CA HIS A 81 7.32 9.68 -4.84
C HIS A 81 7.20 8.73 -5.99
N HIS A 82 6.07 8.06 -6.07
CA HIS A 82 5.84 7.00 -7.06
C HIS A 82 4.36 6.85 -7.28
N PRO A 83 3.95 6.71 -8.55
CA PRO A 83 2.50 6.63 -8.77
C PRO A 83 1.85 5.33 -8.30
N ASN A 84 2.65 4.33 -7.95
CA ASN A 84 2.12 3.06 -7.43
C ASN A 84 2.39 2.86 -5.94
N ILE A 85 2.84 3.93 -5.29
CA ILE A 85 2.96 3.96 -3.84
C ILE A 85 2.01 5.05 -3.36
N LEU A 86 1.07 4.68 -2.50
CA LEU A 86 0.16 5.64 -1.90
C LEU A 86 0.98 6.76 -1.27
N ARG A 87 0.65 8.00 -1.62
CA ARG A 87 1.42 9.15 -1.24
C ARG A 87 1.00 9.74 0.14
N LEU A 88 1.99 9.96 1.01
CA LEU A 88 1.81 10.75 2.22
C LEU A 88 2.17 12.19 1.87
N TYR A 89 1.20 13.09 2.02
CA TYR A 89 1.41 14.49 1.64
C TYR A 89 2.13 15.24 2.74
N ASN A 90 1.58 15.11 3.96
CA ASN A 90 2.13 15.72 5.17
C ASN A 90 1.38 15.15 6.37
N TYR A 91 1.71 15.62 7.56
CA TYR A 91 1.01 15.20 8.79
C TYR A 91 0.82 16.38 9.74
N PHE A 92 0.08 16.14 10.81
CA PHE A 92 -0.03 17.11 11.92
C PHE A 92 -0.63 16.42 13.15
N TYR A 93 -0.58 17.09 14.29
CA TYR A 93 -1.09 16.51 15.53
C TYR A 93 -1.76 17.51 16.48
N ASP A 94 -2.66 17.01 17.32
CA ASP A 94 -3.21 17.79 18.43
C ASP A 94 -2.86 17.11 19.75
N ARG A 95 -3.50 17.51 20.84
CA ARG A 95 -3.15 16.99 22.16
C ARG A 95 -3.19 15.46 22.22
N ARG A 96 -4.03 14.84 21.39
CA ARG A 96 -4.31 13.41 21.52
C ARG A 96 -4.22 12.55 20.28
N ARG A 97 -4.13 13.17 19.11
CA ARG A 97 -4.19 12.43 17.85
C ARG A 97 -3.04 12.83 16.94
N ILE A 98 -2.68 11.91 16.05
CA ILE A 98 -1.76 12.21 14.96
C ILE A 98 -2.53 11.98 13.66
N TYR A 99 -2.57 13.00 12.81
CA TYR A 99 -3.32 12.94 11.58
C TYR A 99 -2.37 12.81 10.40
N LEU A 100 -2.65 11.85 9.52
CA LEU A 100 -1.85 11.67 8.31
C LEU A 100 -2.65 12.13 7.08
N ILE A 101 -2.08 13.04 6.31
CA ILE A 101 -2.72 13.51 5.10
C ILE A 101 -2.24 12.62 3.97
N LEU A 102 -3.09 11.70 3.53
CA LEU A 102 -2.69 10.66 2.56
C LEU A 102 -3.43 10.74 1.21
N GLU A 103 -2.86 10.12 0.19
CA GLU A 103 -3.48 10.06 -1.13
C GLU A 103 -4.76 9.23 -1.09
N TYR A 104 -5.79 9.68 -1.79
CA TYR A 104 -7.06 8.99 -1.83
C TYR A 104 -7.13 8.16 -3.11
N ALA A 105 -7.36 6.85 -2.92
CA ALA A 105 -7.40 5.88 -4.01
C ALA A 105 -8.87 5.56 -4.38
N PRO A 106 -9.38 6.20 -5.45
CA PRO A 106 -10.83 6.17 -5.71
C PRO A 106 -11.48 4.79 -5.77
N ARG A 107 -10.80 3.79 -6.33
CA ARG A 107 -11.37 2.46 -6.45
C ARG A 107 -11.19 1.57 -5.20
N GLY A 108 -10.61 2.15 -4.15
CA GLY A 108 -10.52 1.48 -2.85
C GLY A 108 -9.62 0.25 -2.86
N GLU A 109 -10.02 -0.75 -2.09
CA GLU A 109 -9.17 -1.91 -1.83
C GLU A 109 -9.25 -2.98 -2.92
N LEU A 110 -8.08 -3.51 -3.28
CA LEU A 110 -7.93 -4.56 -4.30
C LEU A 110 -8.71 -5.82 -3.95
N TYR A 111 -8.58 -6.26 -2.71
CA TYR A 111 -9.21 -7.49 -2.23
C TYR A 111 -10.74 -7.47 -2.38
N LYS A 112 -11.37 -6.29 -2.33
CA LYS A 112 -12.81 -6.15 -2.67
C LYS A 112 -13.08 -6.30 -4.17
N GLU A 113 -12.23 -5.70 -5.00
CA GLU A 113 -12.31 -5.82 -6.44
C GLU A 113 -12.02 -7.26 -6.90
N LEU A 114 -11.19 -7.99 -6.14
CA LEU A 114 -10.97 -9.41 -6.41
C LEU A 114 -12.21 -10.23 -6.09
N GLN A 115 -12.94 -9.82 -5.06
CA GLN A 115 -14.21 -10.48 -4.76
C GLN A 115 -15.26 -10.23 -5.86
N LYS A 116 -15.50 -8.97 -6.22
CA LYS A 116 -16.38 -8.64 -7.33
C LYS A 116 -16.00 -9.44 -8.58
N SER A 117 -14.69 -9.61 -8.80
CA SER A 117 -14.21 -10.34 -9.96
C SER A 117 -14.18 -11.85 -9.76
N CYS A 118 -14.02 -12.30 -8.52
CA CYS A 118 -13.76 -13.71 -8.19
C CYS A 118 -12.30 -14.05 -8.48
N THR A 119 -11.88 -13.95 -9.74
CA THR A 119 -10.46 -13.96 -10.10
C THR A 119 -10.17 -12.84 -11.11
N PHE A 120 -8.89 -12.59 -11.37
CA PHE A 120 -8.47 -11.55 -12.31
C PHE A 120 -7.96 -12.22 -13.58
N ASP A 121 -8.22 -11.62 -14.73
CA ASP A 121 -7.64 -12.15 -15.97
C ASP A 121 -6.12 -11.98 -16.00
N GLU A 122 -5.50 -12.58 -17.01
CA GLU A 122 -4.05 -12.45 -17.26
C GLU A 122 -3.61 -10.97 -17.30
N GLN A 123 -4.35 -10.13 -17.99
CA GLN A 123 -3.92 -8.75 -18.18
C GLN A 123 -3.86 -7.97 -16.84
N ARG A 124 -4.91 -8.10 -16.03
CA ARG A 124 -4.99 -7.38 -14.75
C ARG A 124 -3.89 -7.80 -13.81
N THR A 125 -3.64 -9.11 -13.79
CA THR A 125 -2.70 -9.69 -12.87
C THR A 125 -1.28 -9.38 -13.30
N ALA A 126 -1.04 -9.38 -14.61
CA ALA A 126 0.30 -9.14 -15.14
C ALA A 126 0.62 -7.68 -14.97
N THR A 127 -0.38 -6.84 -15.18
CA THR A 127 -0.22 -5.41 -15.01
C THR A 127 0.20 -5.15 -13.56
N ILE A 128 -0.51 -5.73 -12.60
CA ILE A 128 -0.17 -5.58 -11.17
C ILE A 128 1.26 -6.07 -10.80
N MET A 129 1.75 -7.10 -11.47
CA MET A 129 3.13 -7.58 -11.28
C MET A 129 4.16 -6.60 -11.84
N GLU A 130 3.80 -5.87 -12.88
CA GLU A 130 4.72 -4.86 -13.42
C GLU A 130 4.75 -3.65 -12.51
N GLU A 131 3.61 -3.32 -11.92
CA GLU A 131 3.48 -2.15 -11.06
C GLU A 131 4.22 -2.40 -9.74
N LEU A 132 3.97 -3.55 -9.12
CA LEU A 132 4.73 -3.96 -7.94
C LEU A 132 6.25 -3.91 -8.21
N ALA A 133 6.70 -4.62 -9.24
CA ALA A 133 8.12 -4.74 -9.52
C ALA A 133 8.84 -3.39 -9.65
N ASP A 134 8.17 -2.42 -10.24
CA ASP A 134 8.72 -1.07 -10.38
C ASP A 134 8.69 -0.28 -9.06
N ALA A 135 7.59 -0.43 -8.31
CA ALA A 135 7.43 0.23 -7.01
C ALA A 135 8.53 -0.20 -6.03
N LEU A 136 8.83 -1.50 -6.02
CA LEU A 136 9.81 -2.08 -5.10
C LEU A 136 11.26 -1.79 -5.54
N MET A 137 11.49 -1.81 -6.86
CA MET A 137 12.80 -1.44 -7.41
C MET A 137 13.11 0.01 -7.10
N TYR A 138 12.14 0.87 -7.38
CA TYR A 138 12.20 2.25 -6.94
C TYR A 138 12.66 2.32 -5.49
N CYS A 139 11.96 1.60 -4.62
CA CYS A 139 12.23 1.63 -3.18
C CYS A 139 13.64 1.22 -2.80
N HIS A 140 14.20 0.22 -3.48
CA HIS A 140 15.57 -0.19 -3.20
C HIS A 140 16.53 0.92 -3.56
N GLY A 141 16.37 1.47 -4.76
CA GLY A 141 17.12 2.64 -5.19
C GLY A 141 17.01 3.86 -4.27
N LYS A 142 16.00 3.87 -3.39
CA LYS A 142 15.87 4.88 -2.35
C LYS A 142 16.08 4.31 -0.95
N LYS A 143 16.93 3.29 -0.84
CA LYS A 143 17.39 2.79 0.47
C LYS A 143 16.28 2.27 1.38
N VAL A 144 15.14 1.87 0.79
CA VAL A 144 14.00 1.30 1.53
C VAL A 144 13.84 -0.15 1.07
N ILE A 145 14.31 -1.07 1.89
CA ILE A 145 14.63 -2.40 1.41
C ILE A 145 13.46 -3.40 1.49
N HIS A 146 12.33 -2.96 2.04
CA HIS A 146 11.14 -3.80 2.18
C HIS A 146 9.89 -2.96 2.23
N ARG A 147 8.77 -3.55 1.79
CA ARG A 147 7.46 -2.92 1.89
C ARG A 147 6.41 -4.00 2.02
N ASP A 148 5.32 -3.72 2.74
CA ASP A 148 4.32 -4.74 3.09
C ASP A 148 3.25 -4.83 2.00
N ILE A 149 3.06 -6.02 1.46
CA ILE A 149 2.34 -6.22 0.20
C ILE A 149 1.11 -7.10 0.34
N LYS A 150 0.92 -7.75 1.48
CA LYS A 150 -0.33 -8.45 1.77
C LYS A 150 -1.48 -7.69 1.10
N PRO A 151 -2.43 -8.41 0.46
CA PRO A 151 -3.50 -7.77 -0.34
C PRO A 151 -4.31 -6.68 0.39
N GLU A 152 -4.37 -6.77 1.73
CA GLU A 152 -4.89 -5.72 2.61
C GLU A 152 -4.28 -4.34 2.32
N ASN A 153 -3.01 -4.33 1.96
CA ASN A 153 -2.24 -3.09 1.77
C ASN A 153 -2.30 -2.51 0.38
N LEU A 154 -3.13 -3.07 -0.50
CA LEU A 154 -3.11 -2.62 -1.88
C LEU A 154 -4.42 -1.92 -2.27
N LEU A 155 -4.27 -0.72 -2.82
CA LEU A 155 -5.40 0.12 -3.22
C LEU A 155 -5.36 0.34 -4.75
N LEU A 156 -6.46 0.83 -5.31
CA LEU A 156 -6.57 0.98 -6.75
C LEU A 156 -6.81 2.42 -7.15
N GLY A 157 -5.97 2.93 -8.05
CA GLY A 157 -6.09 4.30 -8.56
C GLY A 157 -7.33 4.51 -9.39
N LEU A 158 -7.47 5.71 -9.93
CA LEU A 158 -8.66 6.06 -10.73
C LEU A 158 -8.81 5.16 -11.95
N LYS A 159 -7.69 4.96 -12.64
CA LYS A 159 -7.67 4.19 -13.86
C LYS A 159 -7.29 2.72 -13.60
N GLY A 160 -7.49 2.28 -12.35
CA GLY A 160 -7.25 0.91 -11.95
C GLY A 160 -5.87 0.61 -11.44
N GLU A 161 -5.01 1.63 -11.37
CA GLU A 161 -3.59 1.42 -11.11
C GLU A 161 -3.28 1.06 -9.65
N LEU A 162 -2.38 0.09 -9.44
CA LEU A 162 -1.96 -0.32 -8.10
C LEU A 162 -1.44 0.84 -7.25
N LYS A 163 -1.80 0.82 -5.95
CA LYS A 163 -1.36 1.82 -4.96
C LYS A 163 -1.07 1.15 -3.61
N ILE A 164 0.20 0.87 -3.36
CA ILE A 164 0.65 0.16 -2.18
C ILE A 164 0.54 1.08 -0.98
N ALA A 165 -0.33 0.74 -0.02
CA ALA A 165 -0.58 1.59 1.16
C ALA A 165 -0.06 0.87 2.39
N ASP A 166 1.00 1.40 3.02
CA ASP A 166 1.71 0.66 4.07
C ASP A 166 1.90 1.41 5.40
N PHE A 167 1.04 1.11 6.37
CA PHE A 167 1.25 1.46 7.80
C PHE A 167 0.76 0.33 8.74
N GLY A 168 1.09 0.42 10.02
CA GLY A 168 0.72 -0.61 11.00
C GLY A 168 1.66 -0.63 12.20
N LEU A 185 16.46 -6.35 25.87
CA LEU A 185 16.00 -4.97 25.71
C LEU A 185 17.17 -4.04 25.42
N ASP A 186 18.15 -4.07 26.32
CA ASP A 186 19.39 -3.31 26.12
C ASP A 186 20.18 -3.75 24.90
N TYR A 187 20.06 -5.02 24.54
CA TYR A 187 20.73 -5.56 23.37
C TYR A 187 19.97 -5.40 22.03
N LEU A 188 18.79 -4.78 22.03
CA LEU A 188 18.05 -4.53 20.78
C LEU A 188 18.71 -3.43 19.96
N PRO A 189 19.02 -3.71 18.68
CA PRO A 189 19.59 -2.65 17.86
C PRO A 189 18.50 -1.73 17.35
N PRO A 190 18.87 -0.52 16.91
CA PRO A 190 17.88 0.48 16.52
C PRO A 190 16.91 -0.01 15.43
N GLU A 191 17.42 -0.79 14.48
CA GLU A 191 16.58 -1.34 13.43
C GLU A 191 15.44 -2.19 14.01
N MET A 192 15.64 -2.84 15.14
CA MET A 192 14.53 -3.57 15.74
C MET A 192 13.50 -2.66 16.39
N ILE A 193 13.98 -1.53 16.89
CA ILE A 193 13.13 -0.59 17.61
C ILE A 193 12.37 0.24 16.60
N GLU A 194 12.99 0.52 15.45
CA GLU A 194 12.33 1.28 14.40
C GLU A 194 11.57 0.40 13.42
N GLY A 195 11.37 -0.85 13.78
CA GLY A 195 10.58 -1.80 12.99
C GLY A 195 11.22 -2.33 11.72
N ARG A 196 12.42 -1.87 11.36
CA ARG A 196 12.99 -2.11 10.02
C ARG A 196 13.72 -3.46 9.84
N MET A 197 13.09 -4.54 10.29
CA MET A 197 13.77 -5.84 10.36
C MET A 197 13.46 -6.84 9.24
N HIS A 198 12.59 -6.48 8.31
CA HIS A 198 12.21 -7.42 7.23
C HIS A 198 13.26 -7.48 6.15
N ASN A 199 13.51 -8.70 5.68
CA ASN A 199 14.50 -8.95 4.63
C ASN A 199 14.01 -8.48 3.26
N GLU A 200 14.95 -8.18 2.37
CA GLU A 200 14.61 -7.83 0.96
C GLU A 200 13.84 -8.93 0.21
N LYS A 201 14.15 -10.19 0.50
CA LYS A 201 13.61 -11.33 -0.25
C LYS A 201 12.31 -11.88 0.33
N VAL A 202 11.77 -11.23 1.36
CA VAL A 202 10.45 -11.59 1.85
C VAL A 202 9.39 -11.15 0.85
N ASP A 203 9.56 -9.98 0.23
CA ASP A 203 8.58 -9.49 -0.76
C ASP A 203 8.47 -10.34 -2.02
N LEU A 204 9.61 -10.80 -2.51
CA LEU A 204 9.62 -11.65 -3.69
C LEU A 204 8.69 -12.85 -3.50
N TRP A 205 8.69 -13.39 -2.28
CA TRP A 205 7.79 -14.48 -1.92
C TRP A 205 6.39 -14.01 -1.95
N CYS A 206 6.12 -12.92 -1.27
CA CYS A 206 4.77 -12.38 -1.23
C CYS A 206 4.26 -12.07 -2.62
N ILE A 207 5.15 -11.76 -3.55
CA ILE A 207 4.71 -11.47 -4.93
C ILE A 207 4.14 -12.73 -5.58
N GLY A 208 4.87 -13.83 -5.46
CA GLY A 208 4.37 -15.15 -5.83
C GLY A 208 2.98 -15.43 -5.26
N VAL A 209 2.83 -15.26 -3.95
CA VAL A 209 1.55 -15.56 -3.28
C VAL A 209 0.43 -14.74 -3.87
N LEU A 210 0.67 -13.44 -4.02
CA LEU A 210 -0.31 -12.51 -4.60
C LEU A 210 -0.72 -12.95 -6.02
N CYS A 211 0.28 -13.17 -6.87
CA CYS A 211 0.05 -13.58 -8.25
C CYS A 211 -0.90 -14.76 -8.30
N TYR A 212 -0.60 -15.81 -7.52
CA TYR A 212 -1.44 -17.00 -7.41
C TYR A 212 -2.82 -16.62 -6.94
N GLU A 213 -2.93 -15.94 -5.81
CA GLU A 213 -4.25 -15.61 -5.30
C GLU A 213 -5.05 -14.78 -6.30
N LEU A 214 -4.42 -13.88 -7.02
CA LEU A 214 -5.17 -13.11 -8.00
C LEU A 214 -5.81 -14.04 -9.06
N LEU A 215 -5.03 -14.97 -9.59
CA LEU A 215 -5.48 -15.87 -10.66
C LEU A 215 -6.41 -16.99 -10.16
N VAL A 216 -6.11 -17.57 -9.03
CA VAL A 216 -6.91 -18.67 -8.48
C VAL A 216 -8.08 -18.22 -7.57
N GLY A 217 -7.96 -17.04 -6.96
CA GLY A 217 -8.98 -16.54 -6.04
C GLY A 217 -8.78 -16.93 -4.59
N ASN A 218 -7.65 -17.57 -4.27
CA ASN A 218 -7.26 -17.86 -2.88
C ASN A 218 -5.78 -18.18 -2.79
N PRO A 219 -5.16 -17.99 -1.61
CA PRO A 219 -3.72 -18.23 -1.54
C PRO A 219 -3.33 -19.71 -1.67
N PRO A 220 -2.11 -19.98 -2.14
CA PRO A 220 -1.62 -21.30 -2.51
C PRO A 220 -1.49 -22.34 -1.42
N PHE A 221 -1.43 -21.91 -0.15
CA PHE A 221 -1.20 -22.82 0.98
C PHE A 221 -2.32 -22.75 2.02
N GLU A 222 -3.46 -22.17 1.64
CA GLU A 222 -4.60 -22.09 2.54
C GLU A 222 -5.03 -23.49 3.00
N SER A 223 -5.54 -23.60 4.22
CA SER A 223 -5.94 -24.90 4.78
C SER A 223 -6.93 -24.79 5.93
N ALA A 224 -7.40 -25.94 6.42
CA ALA A 224 -8.34 -25.95 7.52
C ALA A 224 -7.68 -25.41 8.79
N SER A 225 -6.37 -25.64 8.93
CA SER A 225 -5.67 -25.31 10.16
C SER A 225 -4.29 -24.66 9.92
N HIS A 226 -3.80 -23.96 10.94
CA HIS A 226 -2.47 -23.36 10.93
C HIS A 226 -1.43 -24.43 10.77
N ASN A 227 -1.53 -25.47 11.59
CA ASN A 227 -0.54 -26.56 11.55
C ASN A 227 -0.35 -27.08 10.13
N GLU A 228 -1.45 -27.27 9.42
CA GLU A 228 -1.40 -27.76 8.06
C GLU A 228 -0.82 -26.70 7.12
N THR A 229 -1.16 -25.43 7.34
CA THR A 229 -0.69 -24.34 6.47
C THR A 229 0.82 -24.15 6.55
N TYR A 230 1.36 -24.23 7.77
CA TYR A 230 2.77 -24.07 8.05
C TYR A 230 3.57 -25.15 7.37
N ARG A 231 3.10 -26.38 7.53
CA ARG A 231 3.68 -27.54 6.87
C ARG A 231 3.71 -27.35 5.35
N ARG A 232 2.64 -26.76 4.81
CA ARG A 232 2.53 -26.52 3.39
C ARG A 232 3.47 -25.40 2.94
N ILE A 233 3.56 -24.33 3.73
CA ILE A 233 4.45 -23.23 3.40
C ILE A 233 5.92 -23.65 3.40
N VAL A 234 6.38 -24.34 4.45
CA VAL A 234 7.80 -24.72 4.56
C VAL A 234 8.19 -25.80 3.55
N LYS A 235 7.23 -26.66 3.21
CA LYS A 235 7.45 -27.70 2.21
C LYS A 235 7.16 -27.14 0.81
N VAL A 236 6.88 -25.85 0.72
CA VAL A 236 6.41 -25.23 -0.52
C VAL A 236 5.59 -26.23 -1.35
N ASP A 237 4.45 -26.64 -0.81
CA ASP A 237 3.58 -27.61 -1.48
C ASP A 237 2.64 -26.86 -2.39
N LEU A 238 3.21 -26.37 -3.49
CA LEU A 238 2.50 -25.53 -4.45
C LEU A 238 1.83 -26.41 -5.46
N LYS A 239 0.54 -26.18 -5.69
CA LYS A 239 -0.26 -26.92 -6.67
C LYS A 239 -1.04 -25.94 -7.54
N PHE A 240 -0.84 -26.02 -8.86
CA PHE A 240 -1.53 -25.12 -9.79
C PHE A 240 -2.80 -25.74 -10.41
N PRO A 241 -3.97 -25.08 -10.23
CA PRO A 241 -5.18 -25.56 -10.91
C PRO A 241 -5.20 -25.19 -12.40
N ALA A 242 -6.19 -25.70 -13.13
CA ALA A 242 -6.33 -25.43 -14.56
C ALA A 242 -6.49 -23.95 -14.92
N SER A 243 -6.96 -23.14 -13.98
CA SER A 243 -7.15 -21.69 -14.20
C SER A 243 -5.88 -20.82 -14.09
N VAL A 244 -4.68 -21.41 -14.06
CA VAL A 244 -3.41 -20.65 -14.08
C VAL A 244 -2.62 -20.92 -15.38
N PRO A 245 -2.45 -19.89 -16.22
CA PRO A 245 -1.72 -20.09 -17.48
C PRO A 245 -0.24 -20.41 -17.31
N THR A 246 0.29 -21.27 -18.16
CA THR A 246 1.69 -21.72 -18.10
C THR A 246 2.66 -20.63 -17.68
N GLY A 247 2.61 -19.50 -18.37
CA GLY A 247 3.46 -18.35 -18.07
C GLY A 247 3.45 -17.89 -16.62
N ALA A 248 2.26 -17.84 -16.00
CA ALA A 248 2.13 -17.53 -14.56
C ALA A 248 2.74 -18.64 -13.70
N GLN A 249 2.51 -19.89 -14.05
CA GLN A 249 3.08 -21.00 -13.28
C GLN A 249 4.58 -20.87 -13.17
N ASP A 250 5.20 -20.51 -14.29
CA ASP A 250 6.65 -20.30 -14.37
C ASP A 250 7.15 -19.18 -13.43
N LEU A 251 6.50 -18.03 -13.50
CA LEU A 251 6.84 -16.88 -12.63
C LEU A 251 6.64 -17.25 -11.17
N ILE A 252 5.45 -17.76 -10.85
CA ILE A 252 5.09 -18.08 -9.49
C ILE A 252 6.04 -19.15 -8.92
N SER A 253 6.27 -20.21 -9.68
CA SER A 253 7.26 -21.23 -9.30
C SER A 253 8.66 -20.67 -9.07
N LYS A 254 9.02 -19.60 -9.76
CA LYS A 254 10.35 -19.00 -9.58
C LYS A 254 10.43 -18.07 -8.36
N LEU A 255 9.30 -17.51 -7.96
CA LEU A 255 9.26 -16.69 -6.76
C LEU A 255 9.15 -17.54 -5.48
N LEU A 256 8.24 -18.52 -5.47
CA LEU A 256 7.98 -19.31 -4.25
C LEU A 256 9.00 -20.40 -4.01
N ARG A 257 10.16 -19.99 -3.48
CA ARG A 257 11.27 -20.87 -3.22
C ARG A 257 11.59 -20.83 -1.75
N HIS A 258 11.73 -22.00 -1.14
CA HIS A 258 12.16 -22.08 0.26
C HIS A 258 13.38 -21.23 0.49
N ASN A 259 14.41 -21.46 -0.31
CA ASN A 259 15.67 -20.71 -0.23
C ASN A 259 15.50 -19.31 -0.83
N PRO A 260 15.68 -18.25 0.01
CA PRO A 260 15.49 -16.88 -0.49
C PRO A 260 16.46 -16.45 -1.58
N SER A 261 17.67 -16.99 -1.58
CA SER A 261 18.63 -16.69 -2.63
C SER A 261 18.17 -17.19 -3.98
N GLU A 262 17.32 -18.21 -4.01
CA GLU A 262 16.82 -18.74 -5.28
C GLU A 262 15.63 -17.96 -5.82
N ARG A 263 15.10 -17.02 -5.05
CA ARG A 263 13.89 -16.33 -5.47
C ARG A 263 14.21 -15.32 -6.58
N LEU A 264 13.29 -15.25 -7.53
CA LEU A 264 13.47 -14.45 -8.75
C LEU A 264 13.55 -12.98 -8.42
N PRO A 265 14.68 -12.32 -8.78
CA PRO A 265 14.82 -10.89 -8.51
C PRO A 265 13.73 -10.03 -9.12
N LEU A 266 13.46 -8.90 -8.48
CA LEU A 266 12.51 -7.93 -9.00
C LEU A 266 12.76 -7.63 -10.47
N ALA A 267 14.01 -7.33 -10.82
CA ALA A 267 14.36 -6.95 -12.20
C ALA A 267 13.93 -8.01 -13.20
N GLN A 268 14.02 -9.27 -12.81
CA GLN A 268 13.59 -10.38 -13.66
C GLN A 268 12.08 -10.63 -13.60
N VAL A 269 11.42 -10.17 -12.53
CA VAL A 269 9.95 -10.26 -12.45
C VAL A 269 9.27 -9.33 -13.46
N SER A 270 9.74 -8.07 -13.54
CA SER A 270 9.22 -7.12 -14.55
C SER A 270 9.70 -7.42 -15.97
N ALA A 271 10.75 -8.24 -16.11
CA ALA A 271 11.23 -8.71 -17.42
C ALA A 271 10.69 -10.10 -17.80
N HIS A 272 9.87 -10.73 -16.96
CA HIS A 272 9.36 -12.06 -17.28
C HIS A 272 8.51 -12.00 -18.52
N PRO A 273 8.64 -13.01 -19.43
CA PRO A 273 7.88 -12.99 -20.68
C PRO A 273 6.38 -12.92 -20.50
N TRP A 274 5.85 -13.72 -19.58
CA TRP A 274 4.42 -13.68 -19.32
C TRP A 274 3.99 -12.30 -18.92
N VAL A 275 4.66 -11.75 -17.90
CA VAL A 275 4.34 -10.41 -17.41
C VAL A 275 4.37 -9.38 -18.54
N ARG A 276 5.47 -9.34 -19.29
CA ARG A 276 5.65 -8.37 -20.37
C ARG A 276 4.64 -8.49 -21.51
N ALA A 277 4.18 -9.71 -21.81
CA ALA A 277 3.28 -9.93 -22.95
C ALA A 277 1.86 -9.49 -22.63
N ASN A 278 1.46 -9.62 -21.36
CA ASN A 278 0.06 -9.43 -20.95
C ASN A 278 -0.20 -8.14 -20.22
N SER A 279 0.86 -7.44 -19.87
CA SER A 279 0.78 -6.20 -19.12
C SER A 279 0.29 -5.05 -19.99
N ARG A 280 -0.87 -4.49 -19.66
CA ARG A 280 -1.37 -3.27 -20.29
C ARG A 280 -1.51 -2.21 -19.18
N ARG A 281 -0.39 -1.61 -18.81
CA ARG A 281 -0.30 -0.69 -17.68
C ARG A 281 -0.55 0.76 -18.03
N VAL A 282 -1.47 1.39 -17.30
CA VAL A 282 -1.72 2.83 -17.43
C VAL A 282 -0.86 3.62 -16.43
N LEU A 283 -0.50 4.85 -16.81
CA LEU A 283 0.30 5.74 -15.98
C LEU A 283 -0.49 7.05 -15.79
N PRO A 284 -0.43 7.65 -14.59
CA PRO A 284 -1.05 8.96 -14.40
C PRO A 284 -0.06 10.07 -14.74
N PRO A 285 -0.54 11.32 -14.92
CA PRO A 285 0.37 12.48 -15.04
C PRO A 285 1.17 12.77 -13.75
N SER A 286 2.00 11.82 -13.33
CA SER A 286 2.70 11.89 -12.03
C SER A 286 4.01 12.64 -12.16
N LYS B 8 -24.57 9.88 9.53
CA LYS B 8 -24.10 11.24 9.14
C LYS B 8 -24.51 11.60 7.71
N PRO B 9 -25.15 12.76 7.50
CA PRO B 9 -25.40 13.23 6.12
C PRO B 9 -24.08 13.47 5.38
N ILE B 10 -24.02 13.03 4.13
CA ILE B 10 -22.79 13.05 3.33
C ILE B 10 -22.84 14.18 2.32
N PRO B 11 -21.98 15.21 2.47
CA PRO B 11 -21.92 16.35 1.55
C PRO B 11 -22.05 15.97 0.08
N THR B 12 -22.65 16.86 -0.70
CA THR B 12 -22.80 16.66 -2.13
C THR B 12 -21.45 16.29 -2.78
N TRP B 13 -20.40 17.06 -2.43
CA TRP B 13 -19.08 16.94 -3.07
C TRP B 13 -18.44 15.59 -2.91
N ALA B 14 -18.75 14.96 -1.78
CA ALA B 14 -18.19 13.67 -1.40
C ALA B 14 -19.01 12.46 -1.92
N ARG B 15 -20.24 12.70 -2.34
CA ARG B 15 -21.12 11.63 -2.78
C ARG B 15 -21.03 11.45 -4.28
N GLY B 16 -21.52 10.30 -4.75
CA GLY B 16 -21.81 10.03 -6.15
C GLY B 16 -21.00 10.73 -7.24
N THR B 17 -21.70 11.38 -8.16
CA THR B 17 -21.06 11.92 -9.37
C THR B 17 -20.09 13.06 -9.05
N PRO B 18 -20.57 14.18 -8.47
CA PRO B 18 -19.65 15.32 -8.21
C PRO B 18 -18.32 14.95 -7.53
N LEU B 19 -18.31 13.84 -6.77
CA LEU B 19 -17.04 13.28 -6.30
C LEU B 19 -16.19 12.90 -7.50
N SER B 20 -16.77 12.04 -8.34
CA SER B 20 -16.08 11.48 -9.51
C SER B 20 -15.40 12.55 -10.38
N GLN B 21 -16.09 13.64 -10.64
CA GLN B 21 -15.55 14.72 -11.46
C GLN B 21 -14.39 15.40 -10.75
N ALA B 22 -14.58 15.71 -9.47
CA ALA B 22 -13.51 16.25 -8.64
C ALA B 22 -12.23 15.39 -8.72
N ILE B 23 -12.41 14.06 -8.79
CA ILE B 23 -11.26 13.14 -8.86
C ILE B 23 -10.53 13.19 -10.20
N ILE B 24 -11.30 13.19 -11.30
CA ILE B 24 -10.71 13.19 -12.65
C ILE B 24 -9.95 14.49 -12.91
N HIS B 25 -10.59 15.62 -12.64
CA HIS B 25 -9.91 16.92 -12.74
C HIS B 25 -8.59 16.84 -12.03
N GLN B 26 -8.66 16.42 -10.76
CA GLN B 26 -7.49 16.30 -9.88
C GLN B 26 -6.43 15.37 -10.48
N TYR B 27 -6.89 14.28 -11.10
CA TYR B 27 -6.02 13.30 -11.78
C TYR B 27 -5.29 13.89 -12.99
N TYR B 28 -5.99 14.73 -13.76
CA TYR B 28 -5.39 15.40 -14.92
C TYR B 28 -4.74 16.75 -14.60
N HIS B 29 -4.95 17.26 -13.39
CA HIS B 29 -4.33 18.50 -12.93
C HIS B 29 -3.55 18.26 -11.68
N PRO B 30 -2.42 17.53 -11.81
CA PRO B 30 -1.57 17.29 -10.65
C PRO B 30 -0.86 18.58 -10.22
N PRO B 31 -1.25 19.14 -9.06
CA PRO B 31 -0.70 20.43 -8.66
C PRO B 31 0.71 20.29 -8.08
N ASN B 32 1.35 21.42 -7.78
CA ASN B 32 2.62 21.38 -7.04
C ASN B 32 2.36 21.00 -5.59
N LEU B 33 2.91 19.86 -5.19
CA LEU B 33 2.68 19.31 -3.86
C LEU B 33 3.57 19.97 -2.79
N LEU B 34 4.74 20.47 -3.20
CA LEU B 34 5.63 21.22 -2.29
C LEU B 34 4.91 22.48 -1.80
N GLU B 35 4.22 23.16 -2.72
CA GLU B 35 3.41 24.32 -2.37
C GLU B 35 2.30 23.97 -1.40
N LEU B 36 1.44 23.05 -1.84
CA LEU B 36 0.18 22.80 -1.17
C LEU B 36 0.34 22.25 0.25
N PHE B 37 1.45 21.54 0.50
CA PHE B 37 1.65 20.82 1.76
C PHE B 37 2.93 21.18 2.51
N GLY B 38 4.04 21.31 1.80
CA GLY B 38 5.30 21.76 2.40
C GLY B 38 6.32 20.66 2.53
N THR B 39 7.20 20.80 3.52
CA THR B 39 8.26 19.83 3.76
C THR B 39 7.93 18.99 4.98
N ILE B 40 7.72 17.68 4.78
CA ILE B 40 7.55 16.74 5.88
C ILE B 40 8.72 16.85 6.88
N LEU B 41 8.44 17.36 8.09
CA LEU B 41 9.46 17.51 9.13
C LEU B 41 9.67 16.20 9.86
N PRO B 42 10.87 15.96 10.42
CA PRO B 42 11.01 14.80 11.28
C PRO B 42 9.98 14.83 12.41
N LEU B 43 9.38 13.68 12.70
CA LEU B 43 8.42 13.55 13.79
C LEU B 43 9.17 13.75 15.11
N ASP B 44 8.66 14.68 15.94
CA ASP B 44 9.30 15.07 17.20
C ASP B 44 8.68 14.29 18.37
N LEU B 45 9.17 13.07 18.58
CA LEU B 45 8.53 12.11 19.50
C LEU B 45 8.24 12.69 20.88
N GLU B 46 9.10 13.57 21.38
CA GLU B 46 8.94 14.08 22.73
C GLU B 46 7.97 15.27 22.79
N ASP B 47 8.06 16.19 21.83
CA ASP B 47 7.10 17.31 21.73
C ASP B 47 5.74 16.84 21.20
N ILE B 48 5.31 15.66 21.64
CA ILE B 48 4.14 14.98 21.11
C ILE B 48 3.54 14.08 22.18
N PHE B 49 4.37 13.18 22.71
CA PHE B 49 3.97 12.32 23.82
C PHE B 49 4.49 12.87 25.17
N LYS B 50 4.43 14.20 25.35
CA LYS B 50 4.78 14.86 26.63
C LYS B 50 4.72 16.39 26.50
N1 VX6 C . -16.04 2.30 -2.88
C2 VX6 C . -15.36 3.62 -3.05
C3 VX6 C . -13.88 3.44 -2.78
N4 VX6 C . -13.72 3.06 -1.35
C5 VX6 C . -14.90 2.47 -0.67
C6 VX6 C . -15.63 1.60 -1.62
C7 VX6 C . -15.91 1.40 -4.04
C8 VX6 C . -12.57 3.20 -0.67
C9 VX6 C . -11.53 4.07 -1.00
C10 VX6 C . -10.41 4.13 -0.17
N11 VX6 C . -10.37 3.34 0.93
C12 VX6 C . -11.39 2.51 1.24
N13 VX6 C . -12.46 2.45 0.45
N14 VX6 C . -9.41 4.96 -0.51
C15 VX6 C . -8.37 5.28 0.30
C17 VX6 C . -8.11 5.00 1.59
C18 VX6 C . -6.93 5.57 1.82
N19 VX6 C . -6.51 6.16 0.72
N20 VX6 C . -7.35 5.98 -0.16
C21 VX6 C . -6.12 5.59 3.12
S23 VX6 C . -11.38 1.46 2.67
C24 VX6 C . -9.73 1.55 3.14
C25 VX6 C . -8.79 0.77 2.47
C26 VX6 C . -7.46 0.82 2.86
C27 VX6 C . -7.04 1.65 3.90
C28 VX6 C . -8.00 2.43 4.57
C29 VX6 C . -9.34 2.37 4.18
N30 VX6 C . -5.72 1.63 4.18
C31 VX6 C . -5.20 2.44 5.12
O32 VX6 C . -5.84 3.25 5.80
C33 VX6 C . -3.69 2.33 5.30
C34 VX6 C . -2.86 3.60 5.11
C35 VX6 C . -3.10 3.05 6.50
#